data_1T99
#
_entry.id   1T99
#
_cell.length_a   84.819
_cell.length_b   84.819
_cell.length_c   160.262
_cell.angle_alpha   90.00
_cell.angle_beta   90.00
_cell.angle_gamma   120.00
#
_symmetry.space_group_name_H-M   'P 31 2 1'
#
loop_
_entity.id
_entity.type
_entity.pdbx_description
1 polymer '2-dehydro-3-deoxyphosphooctonate aldolase'
2 non-polymer 'PHOSPHATE ION'
3 non-polymer 'CADMIUM ION'
4 water water
#
_entity_poly.entity_id   1
_entity_poly.type   'polypeptide(L)'
_entity_poly.pdbx_seq_one_letter_code
;MEKFLVIAGPCAIESEELLLKVGEEIKRLSEKFKEVEFVFKSSFDKANRSSIHSFRGHGLEYGVKALRKVKEEFGLKITT
DIHESWQAEPVAEVADIIQIPAFLCGQTDLLLAAAKTGRAVNVKKGQFLAPWDTKNVVEKLKFGGAKEIYLTERGTTFGY
NNLVVDFRSLPIMKQWAKVIYDATHSVQLPGGLGDKSGGMREFIFPLIRAAVAVGCDGVFMETHPEPEKALSDASTQLPL
SQLEGIIEAILEIREVASKYYETIPVK
;
_entity_poly.pdbx_strand_id   A,B
#
loop_
_chem_comp.id
_chem_comp.type
_chem_comp.name
_chem_comp.formula
CD non-polymer 'CADMIUM ION' 'Cd 2'
PO4 non-polymer 'PHOSPHATE ION' 'O4 P -3'
#
# COMPACT_ATOMS: atom_id res chain seq x y z
N GLU A 2 12.71 8.44 29.97
CA GLU A 2 11.38 8.55 29.30
C GLU A 2 10.68 7.20 29.26
N LYS A 3 9.39 7.18 29.61
CA LYS A 3 8.58 5.97 29.64
C LYS A 3 8.57 5.15 28.32
N PHE A 4 8.97 3.88 28.44
CA PHE A 4 9.03 2.98 27.30
C PHE A 4 7.63 2.52 26.93
N LEU A 5 7.33 2.49 25.63
CA LEU A 5 6.01 2.11 25.18
C LEU A 5 5.85 0.65 24.81
N VAL A 6 4.83 -0.02 25.35
CA VAL A 6 4.59 -1.41 24.94
C VAL A 6 3.18 -1.44 24.40
N ILE A 7 3.07 -1.72 23.10
CA ILE A 7 1.78 -1.81 22.43
C ILE A 7 1.55 -3.31 22.21
N ALA A 8 0.45 -3.83 22.75
CA ALA A 8 0.17 -5.27 22.65
C ALA A 8 -1.30 -5.58 22.62
N GLY A 9 -1.62 -6.75 22.08
CA GLY A 9 -3.00 -7.15 22.03
C GLY A 9 -3.18 -8.20 20.98
N PRO A 10 -4.37 -8.79 20.87
CA PRO A 10 -4.62 -9.81 19.85
C PRO A 10 -4.68 -9.10 18.52
N CYS A 11 -4.21 -9.75 17.46
CA CYS A 11 -4.22 -9.15 16.12
C CYS A 11 -5.62 -8.63 15.71
N ALA A 12 -6.61 -9.51 15.76
CA ALA A 12 -7.98 -9.16 15.38
C ALA A 12 -8.95 -9.29 16.55
N ILE A 13 -9.95 -8.42 16.60
CA ILE A 13 -10.95 -8.46 17.66
C ILE A 13 -11.88 -9.64 17.31
N GLU A 14 -11.42 -10.85 17.61
CA GLU A 14 -12.18 -12.05 17.30
C GLU A 14 -13.49 -12.06 18.07
N SER A 15 -13.47 -11.45 19.25
CA SER A 15 -14.66 -11.36 20.10
C SER A 15 -14.35 -10.38 21.21
N GLU A 16 -15.37 -9.94 21.94
CA GLU A 16 -15.15 -9.01 23.03
C GLU A 16 -14.59 -9.77 24.24
N GLU A 17 -14.83 -11.09 24.28
CA GLU A 17 -14.33 -11.90 25.39
C GLU A 17 -12.80 -12.04 25.29
N LEU A 18 -12.31 -12.33 24.08
CA LEU A 18 -10.88 -12.47 23.84
C LEU A 18 -10.23 -11.16 24.29
N LEU A 19 -10.83 -10.05 23.91
CA LEU A 19 -10.31 -8.74 24.26
C LEU A 19 -10.15 -8.51 25.75
N LEU A 20 -11.18 -8.87 26.53
CA LEU A 20 -11.14 -8.68 27.99
C LEU A 20 -10.14 -9.64 28.65
N LYS A 21 -9.98 -10.82 28.06
CA LYS A 21 -9.06 -11.80 28.60
C LYS A 21 -7.60 -11.33 28.46
N VAL A 22 -7.28 -10.76 27.30
CA VAL A 22 -5.94 -10.27 27.04
C VAL A 22 -5.77 -8.98 27.84
N GLY A 23 -6.83 -8.15 27.84
CA GLY A 23 -6.79 -6.89 28.56
C GLY A 23 -6.49 -7.08 30.03
N GLU A 24 -6.99 -8.16 30.61
CA GLU A 24 -6.76 -8.44 32.01
C GLU A 24 -5.28 -8.70 32.27
N GLU A 25 -4.65 -9.49 31.41
CA GLU A 25 -3.23 -9.77 31.59
C GLU A 25 -2.42 -8.49 31.40
N ILE A 26 -2.81 -7.66 30.43
CA ILE A 26 -2.08 -6.42 30.17
C ILE A 26 -2.23 -5.44 31.32
N LYS A 27 -3.39 -5.42 31.96
CA LYS A 27 -3.62 -4.55 33.09
C LYS A 27 -2.68 -5.01 34.22
N ARG A 28 -2.61 -6.33 34.43
CA ARG A 28 -1.74 -6.87 35.46
C ARG A 28 -0.28 -6.48 35.20
N LEU A 29 0.16 -6.56 33.95
CA LEU A 29 1.55 -6.22 33.64
C LEU A 29 1.81 -4.73 33.80
N SER A 30 0.79 -3.91 33.52
CA SER A 30 0.97 -2.48 33.64
C SER A 30 1.16 -2.11 35.10
N GLU A 31 0.57 -2.91 36.00
CA GLU A 31 0.70 -2.66 37.42
C GLU A 31 2.09 -3.07 37.91
N LYS A 32 2.63 -4.11 37.30
CA LYS A 32 3.97 -4.57 37.67
C LYS A 32 5.02 -3.66 37.02
N PHE A 33 4.95 -3.46 35.70
CA PHE A 33 5.93 -2.62 35.02
C PHE A 33 5.47 -1.17 34.94
N LYS A 34 5.54 -0.49 36.08
CA LYS A 34 5.12 0.91 36.16
C LYS A 34 5.95 1.89 35.34
N GLU A 35 7.15 1.49 34.94
CA GLU A 35 8.00 2.36 34.12
C GLU A 35 7.61 2.23 32.64
N VAL A 36 6.59 1.42 32.35
CA VAL A 36 6.14 1.21 30.98
C VAL A 36 4.77 1.80 30.72
N GLU A 37 4.57 2.36 29.54
CA GLU A 37 3.25 2.87 29.17
C GLU A 37 2.62 1.80 28.25
N PHE A 38 1.60 1.10 28.72
CA PHE A 38 0.97 0.07 27.89
C PHE A 38 -0.17 0.64 27.05
N VAL A 39 -0.33 0.11 25.85
CA VAL A 39 -1.41 0.53 24.95
C VAL A 39 -1.99 -0.76 24.39
N PHE A 40 -3.29 -0.94 24.57
CA PHE A 40 -3.96 -2.15 24.10
C PHE A 40 -4.30 -2.00 22.64
N LYS A 41 -3.94 -3.00 21.85
CA LYS A 41 -4.18 -2.97 20.42
C LYS A 41 -4.97 -4.13 19.86
N SER A 42 -5.85 -3.84 18.93
CA SER A 42 -6.58 -4.88 18.20
C SER A 42 -7.34 -4.24 17.05
N SER A 43 -7.33 -4.92 15.91
CA SER A 43 -8.00 -4.43 14.70
C SER A 43 -9.46 -4.86 14.56
N PHE A 44 -10.34 -3.88 14.34
CA PHE A 44 -11.75 -4.16 14.16
C PHE A 44 -11.91 -4.76 12.76
N ASP A 45 -10.88 -4.62 11.94
CA ASP A 45 -10.91 -5.17 10.58
C ASP A 45 -9.57 -5.38 9.89
N LYS A 46 -9.38 -6.59 9.36
CA LYS A 46 -8.17 -6.94 8.61
C LYS A 46 -8.60 -6.66 7.18
N ALA A 47 -8.35 -5.43 6.73
CA ALA A 47 -8.76 -4.97 5.41
C ALA A 47 -7.94 -5.49 4.23
N ASN A 48 -6.84 -6.19 4.49
CA ASN A 48 -6.06 -6.72 3.38
C ASN A 48 -5.52 -8.13 3.54
N ARG A 49 -6.38 -9.07 3.89
CA ARG A 49 -5.97 -10.48 4.02
C ARG A 49 -5.65 -10.94 2.58
N SER A 50 -4.80 -11.95 2.44
CA SER A 50 -4.46 -12.44 1.10
C SER A 50 -5.71 -12.98 0.40
N SER A 51 -6.39 -13.89 1.08
CA SER A 51 -7.58 -14.53 0.54
C SER A 51 -8.89 -13.86 0.95
N ILE A 52 -9.81 -13.82 0.00
CA ILE A 52 -11.12 -13.24 0.21
C ILE A 52 -11.86 -14.08 1.24
N HIS A 53 -11.40 -15.31 1.44
CA HIS A 53 -12.03 -16.22 2.39
C HIS A 53 -11.54 -16.14 3.84
N SER A 54 -10.48 -15.38 4.10
CA SER A 54 -9.95 -15.25 5.45
C SER A 54 -10.81 -14.36 6.35
N PHE A 55 -10.62 -14.50 7.66
CA PHE A 55 -11.37 -13.72 8.64
C PHE A 55 -11.04 -12.22 8.56
N ARG A 56 -12.06 -11.39 8.43
CA ARG A 56 -11.84 -9.94 8.38
C ARG A 56 -12.18 -9.26 9.71
N GLY A 57 -13.36 -9.59 10.26
CA GLY A 57 -13.75 -8.99 11.52
C GLY A 57 -15.25 -8.90 11.71
N HIS A 58 -15.68 -8.18 12.74
CA HIS A 58 -17.11 -8.06 13.04
C HIS A 58 -17.65 -6.65 12.82
N GLY A 59 -16.90 -5.85 12.08
CA GLY A 59 -17.33 -4.49 11.80
C GLY A 59 -16.77 -3.42 12.72
N LEU A 60 -16.75 -2.18 12.21
CA LEU A 60 -16.24 -1.03 12.94
C LEU A 60 -17.03 -0.83 14.23
N GLU A 61 -18.35 -0.79 14.13
CA GLU A 61 -19.22 -0.60 15.27
C GLU A 61 -18.89 -1.55 16.42
N TYR A 62 -18.94 -2.86 16.12
CA TYR A 62 -18.64 -3.88 17.13
C TYR A 62 -17.25 -3.67 17.73
N GLY A 63 -16.25 -3.52 16.86
CA GLY A 63 -14.88 -3.35 17.29
C GLY A 63 -14.67 -2.19 18.25
N VAL A 64 -15.20 -1.03 17.89
CA VAL A 64 -15.07 0.15 18.73
C VAL A 64 -15.73 -0.09 20.09
N LYS A 65 -16.87 -0.77 20.09
CA LYS A 65 -17.57 -1.05 21.33
C LYS A 65 -16.73 -1.97 22.22
N ALA A 66 -16.09 -2.98 21.63
CA ALA A 66 -15.25 -3.90 22.40
C ALA A 66 -14.05 -3.15 22.97
N LEU A 67 -13.37 -2.41 22.09
CA LEU A 67 -12.22 -1.63 22.51
C LEU A 67 -12.62 -0.72 23.66
N ARG A 68 -13.77 -0.06 23.53
CA ARG A 68 -14.22 0.83 24.61
C ARG A 68 -14.46 0.04 25.90
N LYS A 69 -14.95 -1.19 25.77
CA LYS A 69 -15.17 -1.99 26.96
C LYS A 69 -13.81 -2.21 27.64
N VAL A 70 -12.78 -2.51 26.86
CA VAL A 70 -11.45 -2.72 27.40
C VAL A 70 -10.96 -1.49 28.14
N LYS A 71 -11.14 -0.32 27.53
CA LYS A 71 -10.69 0.91 28.15
C LYS A 71 -11.43 1.19 29.48
N GLU A 72 -12.74 1.06 29.47
CA GLU A 72 -13.53 1.32 30.67
C GLU A 72 -13.16 0.35 31.79
N GLU A 73 -13.15 -0.94 31.47
CA GLU A 73 -12.86 -1.96 32.47
C GLU A 73 -11.45 -1.97 33.05
N PHE A 74 -10.43 -1.63 32.24
CA PHE A 74 -9.06 -1.66 32.73
C PHE A 74 -8.29 -0.34 32.78
N GLY A 75 -8.87 0.73 32.24
CA GLY A 75 -8.15 2.00 32.25
C GLY A 75 -6.97 1.96 31.29
N LEU A 76 -7.02 1.06 30.32
CA LEU A 76 -5.95 0.92 29.33
C LEU A 76 -6.11 1.86 28.13
N LYS A 77 -4.99 2.42 27.67
CA LYS A 77 -5.02 3.27 26.48
C LYS A 77 -5.31 2.33 25.31
N ILE A 78 -5.87 2.88 24.24
CA ILE A 78 -6.27 2.08 23.10
C ILE A 78 -5.66 2.54 21.75
N THR A 79 -5.44 1.57 20.86
CA THR A 79 -4.96 1.87 19.54
C THR A 79 -5.57 0.85 18.58
N THR A 80 -5.95 1.32 17.40
CA THR A 80 -6.48 0.44 16.37
C THR A 80 -6.18 1.13 15.05
N ASP A 81 -6.22 0.37 13.95
CA ASP A 81 -5.90 0.93 12.65
C ASP A 81 -7.11 1.26 11.79
N ILE A 82 -6.97 2.27 10.93
CA ILE A 82 -8.05 2.67 10.02
C ILE A 82 -7.61 2.36 8.62
N HIS A 83 -8.57 2.27 7.70
CA HIS A 83 -8.27 1.91 6.33
C HIS A 83 -8.75 2.89 5.29
N GLU A 84 -9.69 3.75 5.67
CA GLU A 84 -10.21 4.78 4.78
C GLU A 84 -10.49 6.00 5.65
N SER A 85 -10.42 7.18 5.04
CA SER A 85 -10.59 8.44 5.76
C SER A 85 -11.80 8.53 6.69
N TRP A 86 -12.95 8.09 6.22
CA TRP A 86 -14.16 8.18 7.03
C TRP A 86 -14.09 7.46 8.36
N GLN A 87 -13.20 6.48 8.48
CA GLN A 87 -13.11 5.73 9.74
C GLN A 87 -12.41 6.48 10.87
N ALA A 88 -11.62 7.49 10.53
CA ALA A 88 -10.87 8.24 11.53
C ALA A 88 -11.71 8.86 12.64
N GLU A 89 -12.82 9.49 12.28
CA GLU A 89 -13.67 10.14 13.27
C GLU A 89 -14.27 9.17 14.26
N PRO A 90 -15.00 8.15 13.77
CA PRO A 90 -15.57 7.23 14.75
C PRO A 90 -14.51 6.54 15.61
N VAL A 91 -13.41 6.12 14.99
CA VAL A 91 -12.34 5.42 15.70
C VAL A 91 -11.67 6.32 16.73
N ALA A 92 -11.57 7.60 16.42
CA ALA A 92 -10.92 8.54 17.35
C ALA A 92 -11.70 8.68 18.65
N GLU A 93 -12.94 8.26 18.65
CA GLU A 93 -13.73 8.37 19.87
C GLU A 93 -13.22 7.45 20.97
N VAL A 94 -12.56 6.36 20.62
CA VAL A 94 -12.05 5.44 21.63
C VAL A 94 -10.52 5.30 21.59
N ALA A 95 -9.94 5.36 20.38
CA ALA A 95 -8.50 5.21 20.23
C ALA A 95 -7.67 6.43 20.61
N ASP A 96 -6.69 6.19 21.48
CA ASP A 96 -5.76 7.22 21.93
C ASP A 96 -4.69 7.39 20.85
N ILE A 97 -4.43 6.30 20.13
CA ILE A 97 -3.45 6.33 19.06
C ILE A 97 -4.07 5.70 17.82
N ILE A 98 -4.10 6.46 16.73
CA ILE A 98 -4.65 5.94 15.47
C ILE A 98 -3.49 5.37 14.67
N GLN A 99 -3.62 4.09 14.32
CA GLN A 99 -2.60 3.39 13.57
C GLN A 99 -2.85 3.43 12.07
N ILE A 100 -1.79 3.65 11.30
CA ILE A 100 -1.89 3.67 9.84
C ILE A 100 -1.19 2.42 9.29
N PRO A 101 -1.92 1.56 8.57
CA PRO A 101 -1.29 0.34 8.02
C PRO A 101 -0.11 0.64 7.09
N ALA A 102 0.86 -0.26 7.10
CA ALA A 102 2.05 -0.16 6.29
C ALA A 102 1.80 0.18 4.80
N PHE A 103 0.85 -0.52 4.18
CA PHE A 103 0.56 -0.30 2.78
C PHE A 103 -0.01 1.10 2.50
N LEU A 104 -0.60 1.72 3.53
CA LEU A 104 -1.25 3.01 3.36
C LEU A 104 -0.45 4.20 3.87
N CYS A 105 0.78 3.96 4.30
CA CYS A 105 1.64 5.00 4.86
C CYS A 105 1.85 6.21 3.97
N GLY A 106 1.46 6.12 2.70
CA GLY A 106 1.63 7.25 1.80
C GLY A 106 0.33 7.91 1.35
N GLN A 107 -0.82 7.39 1.81
CA GLN A 107 -2.13 7.93 1.43
C GLN A 107 -2.39 9.21 2.18
N THR A 108 -2.16 10.33 1.50
CA THR A 108 -2.32 11.66 2.06
C THR A 108 -3.62 11.92 2.83
N ASP A 109 -4.75 11.53 2.26
CA ASP A 109 -6.03 11.78 2.92
C ASP A 109 -6.24 10.95 4.19
N LEU A 110 -5.77 9.71 4.20
CA LEU A 110 -5.95 8.89 5.39
C LEU A 110 -5.09 9.52 6.51
N LEU A 111 -3.87 9.93 6.16
CA LEU A 111 -2.98 10.57 7.13
C LEU A 111 -3.58 11.86 7.67
N LEU A 112 -4.12 12.68 6.77
CA LEU A 112 -4.74 13.95 7.13
C LEU A 112 -5.99 13.72 8.00
N ALA A 113 -6.73 12.65 7.71
CA ALA A 113 -7.94 12.33 8.48
C ALA A 113 -7.56 11.92 9.90
N ALA A 114 -6.46 11.19 10.04
CA ALA A 114 -6.01 10.78 11.37
C ALA A 114 -5.51 11.99 12.16
N ALA A 115 -4.69 12.83 11.53
CA ALA A 115 -4.14 14.00 12.20
C ALA A 115 -5.14 15.02 12.75
N LYS A 116 -6.20 15.29 12.01
CA LYS A 116 -7.15 16.30 12.48
C LYS A 116 -8.03 15.85 13.65
N THR A 117 -7.98 14.57 14.03
CA THR A 117 -8.76 14.09 15.17
C THR A 117 -8.17 14.56 16.49
N GLY A 118 -6.92 14.99 16.47
CA GLY A 118 -6.28 15.43 17.68
C GLY A 118 -5.61 14.27 18.43
N ARG A 119 -5.84 13.04 17.96
CA ARG A 119 -5.23 11.86 18.59
C ARG A 119 -3.80 11.66 18.11
N ALA A 120 -3.06 10.82 18.82
CA ALA A 120 -1.70 10.50 18.42
C ALA A 120 -1.80 9.58 17.22
N VAL A 121 -0.78 9.61 16.37
CA VAL A 121 -0.75 8.80 15.17
C VAL A 121 0.49 7.96 15.01
N ASN A 122 0.29 6.66 14.78
CA ASN A 122 1.39 5.74 14.59
C ASN A 122 1.34 5.13 13.19
N VAL A 123 2.31 5.47 12.36
CA VAL A 123 2.39 4.96 11.01
C VAL A 123 3.34 3.78 10.86
N LYS A 124 2.86 2.65 10.38
CA LYS A 124 3.74 1.51 10.14
C LYS A 124 4.50 1.83 8.85
N LYS A 125 5.83 1.75 8.86
CA LYS A 125 6.63 2.03 7.67
C LYS A 125 6.38 0.99 6.59
N GLY A 126 5.95 1.42 5.41
CA GLY A 126 5.73 0.48 4.32
C GLY A 126 6.95 -0.40 4.02
N GLN A 127 6.66 -1.64 3.61
CA GLN A 127 7.71 -2.59 3.27
C GLN A 127 8.50 -2.12 2.04
N PHE A 128 7.99 -1.10 1.35
CA PHE A 128 8.63 -0.56 0.15
C PHE A 128 9.36 0.75 0.44
N LEU A 129 9.18 1.28 1.65
CA LEU A 129 9.73 2.58 1.99
C LEU A 129 11.12 2.61 2.63
N ALA A 130 12.00 3.47 2.09
CA ALA A 130 13.34 3.66 2.64
C ALA A 130 13.16 4.46 3.94
N PRO A 131 14.00 4.20 4.95
CA PRO A 131 13.80 4.95 6.20
C PRO A 131 13.92 6.48 6.10
N TRP A 132 14.80 6.98 5.25
CA TRP A 132 14.94 8.42 5.10
C TRP A 132 13.68 9.05 4.46
N ASP A 133 12.87 8.23 3.78
CA ASP A 133 11.65 8.77 3.17
C ASP A 133 10.44 8.88 4.12
N THR A 134 10.60 8.48 5.39
CA THR A 134 9.49 8.63 6.31
C THR A 134 9.45 10.09 6.75
N LYS A 135 10.45 10.86 6.36
CA LYS A 135 10.47 12.26 6.75
C LYS A 135 9.25 12.98 6.23
N ASN A 136 8.91 12.77 4.96
CA ASN A 136 7.73 13.44 4.42
C ASN A 136 6.42 12.91 4.99
N VAL A 137 6.42 11.67 5.47
CA VAL A 137 5.21 11.12 6.06
C VAL A 137 4.92 11.89 7.34
N VAL A 138 5.97 12.18 8.09
CA VAL A 138 5.84 12.91 9.34
C VAL A 138 5.45 14.37 9.01
N GLU A 139 6.04 14.91 7.95
CA GLU A 139 5.72 16.29 7.53
C GLU A 139 4.24 16.40 7.20
N LYS A 140 3.69 15.41 6.50
CA LYS A 140 2.27 15.44 6.15
C LYS A 140 1.43 15.47 7.43
N LEU A 141 1.81 14.65 8.42
CA LEU A 141 1.07 14.56 9.67
C LEU A 141 1.11 15.88 10.45
N LYS A 142 2.26 16.52 10.51
CA LYS A 142 2.35 17.77 11.23
C LYS A 142 1.46 18.79 10.53
N PHE A 143 1.57 18.83 9.20
CA PHE A 143 0.78 19.73 8.38
C PHE A 143 -0.70 19.52 8.71
N GLY A 144 -1.09 18.27 8.96
CA GLY A 144 -2.49 17.97 9.25
C GLY A 144 -2.89 18.12 10.70
N GLY A 145 -1.99 18.63 11.55
CA GLY A 145 -2.32 18.83 12.95
C GLY A 145 -1.83 17.84 14.01
N ALA A 146 -1.18 16.74 13.60
CA ALA A 146 -0.70 15.76 14.58
C ALA A 146 0.46 16.31 15.42
N LYS A 147 0.32 16.21 16.73
CA LYS A 147 1.36 16.68 17.64
C LYS A 147 2.17 15.53 18.26
N GLU A 148 1.61 14.31 18.25
CA GLU A 148 2.30 13.13 18.79
C GLU A 148 2.34 12.06 17.68
N ILE A 149 3.54 11.84 17.14
CA ILE A 149 3.74 10.92 16.03
C ILE A 149 4.75 9.79 16.27
N TYR A 150 4.40 8.60 15.78
CA TYR A 150 5.29 7.46 15.89
C TYR A 150 5.48 6.85 14.51
N LEU A 151 6.64 6.22 14.32
CA LEU A 151 6.97 5.50 13.10
C LEU A 151 7.26 4.08 13.56
N THR A 152 6.62 3.10 12.93
CA THR A 152 6.84 1.71 13.30
C THR A 152 7.56 0.89 12.25
N GLU A 153 8.68 0.32 12.69
CA GLU A 153 9.52 -0.54 11.87
C GLU A 153 8.87 -1.91 11.80
N ARG A 154 8.52 -2.38 10.60
CA ARG A 154 7.92 -3.71 10.47
C ARG A 154 8.56 -4.53 9.33
N GLY A 155 9.82 -4.24 9.01
CA GLY A 155 10.51 -4.97 7.97
C GLY A 155 10.43 -4.36 6.58
N THR A 156 11.27 -4.87 5.69
CA THR A 156 11.36 -4.39 4.33
C THR A 156 11.39 -5.56 3.37
N THR A 157 10.80 -5.35 2.21
CA THR A 157 10.75 -6.38 1.16
C THR A 157 12.18 -6.83 0.82
N PHE A 158 12.43 -8.13 0.95
CA PHE A 158 13.75 -8.70 0.68
C PHE A 158 13.49 -9.93 -0.19
N GLY A 159 13.50 -9.73 -1.52
CA GLY A 159 13.18 -10.84 -2.41
C GLY A 159 11.67 -11.07 -2.29
N TYR A 160 11.21 -12.24 -2.68
CA TYR A 160 9.79 -12.58 -2.59
C TYR A 160 9.46 -13.32 -1.29
N ASN A 161 8.29 -13.03 -0.74
CA ASN A 161 7.80 -13.66 0.48
C ASN A 161 8.80 -13.61 1.63
N ASN A 162 9.49 -12.49 1.79
CA ASN A 162 10.42 -12.41 2.90
C ASN A 162 10.65 -10.96 3.26
N LEU A 163 10.83 -10.71 4.55
CA LEU A 163 11.10 -9.36 5.03
C LEU A 163 12.39 -9.40 5.81
N VAL A 164 13.19 -8.34 5.70
CA VAL A 164 14.40 -8.26 6.50
C VAL A 164 14.25 -7.00 7.35
N VAL A 165 14.86 -6.98 8.53
CA VAL A 165 14.82 -5.77 9.36
C VAL A 165 16.20 -5.14 9.27
N ASP A 166 16.24 -3.92 8.73
CA ASP A 166 17.46 -3.13 8.58
C ASP A 166 17.47 -2.22 9.80
N PHE A 167 18.18 -2.63 10.86
CA PHE A 167 18.20 -1.86 12.09
C PHE A 167 18.77 -0.45 11.99
N ARG A 168 19.39 -0.12 10.87
CA ARG A 168 19.89 1.24 10.68
C ARG A 168 18.72 2.19 10.65
N SER A 169 17.53 1.66 10.34
CA SER A 169 16.35 2.51 10.26
C SER A 169 15.93 3.11 11.59
N LEU A 170 16.20 2.44 12.71
CA LEU A 170 15.82 3.00 14.00
C LEU A 170 16.44 4.38 14.23
N PRO A 171 17.78 4.51 14.19
CA PRO A 171 18.32 5.86 14.41
C PRO A 171 18.01 6.86 13.29
N ILE A 172 17.74 6.39 12.07
CA ILE A 172 17.42 7.33 11.00
C ILE A 172 16.03 7.94 11.25
N MET A 173 15.01 7.10 11.48
CA MET A 173 13.67 7.62 11.70
C MET A 173 13.53 8.40 13.00
N LYS A 174 14.41 8.13 13.94
CA LYS A 174 14.39 8.81 15.23
C LYS A 174 14.66 10.31 15.03
N GLN A 175 15.22 10.69 13.88
CA GLN A 175 15.48 12.09 13.61
C GLN A 175 14.20 12.92 13.53
N TRP A 176 13.08 12.29 13.15
CA TRP A 176 11.84 13.03 13.04
C TRP A 176 10.60 12.47 13.76
N ALA A 177 10.74 11.36 14.47
CA ALA A 177 9.59 10.83 15.21
C ALA A 177 10.02 9.80 16.23
N LYS A 178 9.11 9.44 17.12
CA LYS A 178 9.40 8.41 18.10
C LYS A 178 9.27 7.12 17.32
N VAL A 179 10.16 6.19 17.59
CA VAL A 179 10.20 4.93 16.86
C VAL A 179 9.75 3.71 17.66
N ILE A 180 8.91 2.90 17.03
CA ILE A 180 8.38 1.68 17.62
C ILE A 180 8.84 0.48 16.79
N TYR A 181 9.25 -0.62 17.43
CA TYR A 181 9.66 -1.80 16.69
C TYR A 181 8.52 -2.83 16.76
N ASP A 182 8.02 -3.27 15.60
CA ASP A 182 6.94 -4.24 15.51
C ASP A 182 7.58 -5.63 15.55
N ALA A 183 7.60 -6.28 16.71
CA ALA A 183 8.22 -7.59 16.82
C ALA A 183 7.49 -8.74 16.11
N THR A 184 6.20 -8.56 15.86
CA THR A 184 5.38 -9.59 15.23
C THR A 184 5.38 -9.68 13.71
N HIS A 185 5.14 -8.57 13.05
CA HIS A 185 5.09 -8.57 11.59
C HIS A 185 6.43 -8.53 10.89
N SER A 186 7.49 -8.18 11.62
CA SER A 186 8.83 -8.12 11.03
C SER A 186 9.44 -9.48 10.69
N VAL A 187 8.91 -10.55 11.28
CA VAL A 187 9.44 -11.89 11.01
C VAL A 187 8.47 -12.68 10.12
N GLN A 188 7.29 -12.13 9.88
CA GLN A 188 6.28 -12.78 9.04
C GLN A 188 6.72 -12.94 7.58
N LEU A 189 6.43 -14.09 6.99
CA LEU A 189 6.78 -14.33 5.60
C LEU A 189 5.56 -13.95 4.74
N PRO A 190 5.61 -12.78 4.08
CA PRO A 190 4.52 -12.27 3.22
C PRO A 190 3.98 -13.30 2.22
N GLY A 191 2.68 -13.23 1.96
CA GLY A 191 2.04 -14.16 1.03
C GLY A 191 1.95 -15.58 1.56
N GLY A 199 11.72 -20.56 10.65
CA GLY A 199 10.41 -20.16 10.18
C GLY A 199 10.14 -18.69 10.45
N MET A 200 9.47 -18.40 11.55
CA MET A 200 9.13 -17.03 11.92
C MET A 200 9.18 -16.81 13.44
N ARG A 201 8.27 -17.48 14.16
CA ARG A 201 8.17 -17.39 15.62
C ARG A 201 9.49 -17.41 16.40
N GLU A 202 10.36 -18.35 16.05
CA GLU A 202 11.63 -18.47 16.74
C GLU A 202 12.49 -17.24 16.59
N PHE A 203 12.17 -16.36 15.65
CA PHE A 203 12.98 -15.15 15.49
C PHE A 203 12.45 -13.91 16.19
N ILE A 204 11.23 -13.99 16.71
CA ILE A 204 10.64 -12.86 17.40
C ILE A 204 11.48 -12.31 18.53
N PHE A 205 11.81 -13.16 19.51
CA PHE A 205 12.57 -12.71 20.67
C PHE A 205 13.97 -12.20 20.31
N PRO A 206 14.74 -12.96 19.51
CA PRO A 206 16.07 -12.42 19.19
C PRO A 206 16.06 -11.03 18.53
N LEU A 207 15.15 -10.77 17.59
CA LEU A 207 15.09 -9.46 16.94
C LEU A 207 14.60 -8.37 17.89
N ILE A 208 13.79 -8.74 18.88
CA ILE A 208 13.30 -7.76 19.81
C ILE A 208 14.50 -7.31 20.66
N ARG A 209 15.38 -8.25 21.03
CA ARG A 209 16.57 -7.89 21.81
C ARG A 209 17.44 -6.91 21.02
N ALA A 210 17.58 -7.17 19.72
CA ALA A 210 18.36 -6.30 18.86
C ALA A 210 17.78 -4.89 18.83
N ALA A 211 16.46 -4.81 18.73
CA ALA A 211 15.79 -3.51 18.65
C ALA A 211 16.04 -2.64 19.87
N VAL A 212 15.93 -3.23 21.06
CA VAL A 212 16.13 -2.43 22.26
C VAL A 212 17.62 -2.12 22.48
N ALA A 213 18.51 -2.98 22.00
CA ALA A 213 19.95 -2.72 22.16
C ALA A 213 20.37 -1.57 21.23
N VAL A 214 19.75 -1.52 20.06
CA VAL A 214 20.04 -0.45 19.11
C VAL A 214 19.44 0.82 19.70
N GLY A 215 18.19 0.69 20.17
CA GLY A 215 17.47 1.79 20.79
C GLY A 215 16.18 2.22 20.09
N CYS A 216 15.05 2.11 20.78
CA CYS A 216 13.79 2.57 20.23
C CYS A 216 12.94 3.09 21.37
N ASP A 217 11.77 3.65 21.07
CA ASP A 217 10.91 4.21 22.10
C ASP A 217 9.79 3.29 22.53
N GLY A 218 9.66 2.14 21.88
CA GLY A 218 8.62 1.19 22.23
C GLY A 218 8.61 -0.05 21.36
N VAL A 219 7.90 -1.07 21.80
CA VAL A 219 7.82 -2.29 21.00
C VAL A 219 6.35 -2.59 20.81
N PHE A 220 6.04 -3.23 19.69
CA PHE A 220 4.69 -3.60 19.34
C PHE A 220 4.68 -5.12 19.20
N MET A 221 3.79 -5.79 19.92
CA MET A 221 3.69 -7.26 19.89
C MET A 221 2.27 -7.77 19.89
N GLU A 222 1.98 -8.70 19.00
CA GLU A 222 0.66 -9.29 19.00
C GLU A 222 0.73 -10.50 19.93
N THR A 223 -0.29 -10.65 20.76
CA THR A 223 -0.32 -11.76 21.71
C THR A 223 -1.75 -12.28 21.81
N HIS A 224 -1.88 -13.58 22.02
CA HIS A 224 -3.17 -14.23 22.06
C HIS A 224 -3.10 -15.37 23.08
N PRO A 225 -4.20 -15.64 23.82
CA PRO A 225 -4.18 -16.72 24.82
C PRO A 225 -3.65 -18.03 24.22
N GLU A 226 -4.14 -18.37 23.03
CA GLU A 226 -3.72 -19.60 22.34
C GLU A 226 -3.52 -19.27 20.86
N PRO A 227 -2.32 -18.80 20.49
CA PRO A 227 -2.01 -18.44 19.10
C PRO A 227 -2.50 -19.44 18.05
N GLU A 228 -2.34 -20.72 18.33
CA GLU A 228 -2.74 -21.80 17.44
C GLU A 228 -4.22 -21.75 17.03
N LYS A 229 -5.02 -20.98 17.74
CA LYS A 229 -6.44 -20.88 17.42
C LYS A 229 -6.85 -19.48 16.97
N ALA A 230 -5.87 -18.60 16.80
CA ALA A 230 -6.15 -17.23 16.36
C ALA A 230 -6.75 -17.25 14.96
N LEU A 231 -7.59 -16.26 14.66
CA LEU A 231 -8.22 -16.17 13.36
C LEU A 231 -7.33 -15.44 12.35
N SER A 232 -6.23 -14.88 12.85
CA SER A 232 -5.27 -14.18 11.99
C SER A 232 -3.90 -14.15 12.68
N ASP A 233 -2.84 -14.27 11.88
CA ASP A 233 -1.46 -14.26 12.39
C ASP A 233 -1.20 -15.31 13.47
N ALA A 234 -1.92 -16.44 13.39
CA ALA A 234 -1.78 -17.52 14.36
C ALA A 234 -0.33 -17.96 14.56
N SER A 235 0.42 -18.04 13.47
CA SER A 235 1.82 -18.47 13.51
C SER A 235 2.78 -17.51 14.20
N THR A 236 2.46 -16.22 14.21
CA THR A 236 3.36 -15.25 14.81
C THR A 236 2.89 -14.55 16.06
N GLN A 237 1.64 -14.78 16.47
CA GLN A 237 1.18 -14.12 17.67
C GLN A 237 1.80 -14.80 18.88
N LEU A 238 2.30 -13.97 19.78
CA LEU A 238 2.96 -14.46 20.99
C LEU A 238 1.99 -15.04 22.01
N PRO A 239 2.33 -16.20 22.59
CA PRO A 239 1.44 -16.79 23.60
C PRO A 239 1.34 -15.76 24.74
N LEU A 240 0.13 -15.50 25.22
CA LEU A 240 -0.06 -14.53 26.28
C LEU A 240 0.80 -14.79 27.52
N SER A 241 1.00 -16.05 27.87
CA SER A 241 1.78 -16.35 29.08
C SER A 241 3.26 -15.98 28.96
N GLN A 242 3.72 -15.72 27.73
CA GLN A 242 5.11 -15.36 27.51
C GLN A 242 5.39 -13.85 27.52
N LEU A 243 4.34 -13.05 27.48
CA LEU A 243 4.48 -11.60 27.42
C LEU A 243 5.32 -11.00 28.56
N GLU A 244 5.00 -11.41 29.79
CA GLU A 244 5.71 -10.89 30.96
C GLU A 244 7.21 -11.08 30.90
N GLY A 245 7.64 -12.28 30.52
CA GLY A 245 9.06 -12.56 30.42
C GLY A 245 9.73 -11.76 29.30
N ILE A 246 9.03 -11.59 28.18
CA ILE A 246 9.60 -10.84 27.06
C ILE A 246 9.80 -9.38 27.49
N ILE A 247 8.77 -8.81 28.14
CA ILE A 247 8.83 -7.43 28.60
C ILE A 247 9.95 -7.24 29.62
N GLU A 248 10.01 -8.13 30.60
CA GLU A 248 11.06 -8.03 31.61
C GLU A 248 12.44 -8.04 30.94
N ALA A 249 12.63 -8.94 29.97
CA ALA A 249 13.91 -9.00 29.27
C ALA A 249 14.24 -7.73 28.50
N ILE A 250 13.25 -7.15 27.81
CA ILE A 250 13.64 -5.98 27.07
C ILE A 250 13.90 -4.77 27.95
N LEU A 251 13.26 -4.71 29.11
CA LEU A 251 13.54 -3.60 30.01
C LEU A 251 14.97 -3.77 30.56
N GLU A 252 15.39 -5.01 30.79
CA GLU A 252 16.74 -5.27 31.29
C GLU A 252 17.78 -4.89 30.24
N ILE A 253 17.59 -5.35 29.00
CA ILE A 253 18.53 -5.04 27.92
C ILE A 253 18.54 -3.54 27.61
N ARG A 254 17.36 -2.93 27.70
CA ARG A 254 17.23 -1.51 27.46
C ARG A 254 18.07 -0.72 28.46
N GLU A 255 17.95 -1.06 29.74
CA GLU A 255 18.67 -0.38 30.79
C GLU A 255 20.18 -0.44 30.63
N VAL A 256 20.70 -1.63 30.39
CA VAL A 256 22.15 -1.76 30.26
C VAL A 256 22.65 -1.15 28.96
N ALA A 257 21.83 -1.15 27.90
CA ALA A 257 22.26 -0.56 26.63
C ALA A 257 22.06 0.96 26.56
N SER A 258 21.12 1.48 27.35
CA SER A 258 20.75 2.89 27.34
C SER A 258 21.82 3.94 27.43
N LYS A 259 22.83 3.73 28.26
CA LYS A 259 23.88 4.74 28.37
C LYS A 259 24.63 4.93 27.05
N TYR A 260 24.47 3.99 26.13
CA TYR A 260 25.19 4.06 24.86
C TYR A 260 24.34 4.56 23.68
N TYR A 261 23.07 4.81 23.92
CA TYR A 261 22.18 5.30 22.86
C TYR A 261 22.75 6.63 22.35
N GLU A 262 22.95 6.76 21.04
CA GLU A 262 23.48 8.00 20.45
C GLU A 262 22.45 9.14 20.51
N THR A 263 22.93 10.36 20.59
CA THR A 263 22.03 11.52 20.63
C THR A 263 21.71 11.96 19.20
N ILE A 264 20.43 11.89 18.83
CA ILE A 264 20.00 12.26 17.48
C ILE A 264 19.75 13.77 17.27
N LYS B 3 -7.62 -8.28 -28.88
CA LYS B 3 -6.49 -7.55 -29.53
C LYS B 3 -5.53 -6.89 -28.53
N PHE B 4 -4.39 -6.42 -29.02
CA PHE B 4 -3.38 -5.78 -28.18
C PHE B 4 -3.84 -4.48 -27.55
N LEU B 5 -3.55 -4.32 -26.26
CA LEU B 5 -3.96 -3.13 -25.54
C LEU B 5 -2.85 -2.09 -25.36
N VAL B 6 -3.20 -0.83 -25.60
CA VAL B 6 -2.26 0.26 -25.39
C VAL B 6 -2.98 1.30 -24.53
N ILE B 7 -2.59 1.40 -23.26
CA ILE B 7 -3.19 2.33 -22.32
C ILE B 7 -2.22 3.50 -22.22
N ALA B 8 -2.67 4.70 -22.59
CA ALA B 8 -1.78 5.83 -22.57
C ALA B 8 -2.47 7.14 -22.24
N GLY B 9 -1.69 8.12 -21.81
CA GLY B 9 -2.25 9.42 -21.47
C GLY B 9 -1.34 10.15 -20.49
N PRO B 10 -1.68 11.40 -20.13
CA PRO B 10 -0.83 12.14 -19.19
C PRO B 10 -1.05 11.58 -17.77
N CYS B 11 -0.02 11.62 -16.95
CA CYS B 11 -0.13 11.10 -15.59
C CYS B 11 -1.30 11.68 -14.80
N ALA B 12 -1.31 13.00 -14.65
CA ALA B 12 -2.36 13.69 -13.91
C ALA B 12 -3.25 14.53 -14.83
N ILE B 13 -4.51 14.68 -14.46
CA ILE B 13 -5.43 15.51 -15.25
C ILE B 13 -5.10 16.95 -14.90
N GLU B 14 -4.06 17.47 -15.54
CA GLU B 14 -3.60 18.83 -15.31
C GLU B 14 -4.63 19.87 -15.74
N SER B 15 -5.49 19.48 -16.67
CA SER B 15 -6.57 20.32 -17.19
C SER B 15 -7.24 19.54 -18.31
N GLU B 16 -8.55 19.69 -18.48
CA GLU B 16 -9.23 18.95 -19.52
C GLU B 16 -8.67 19.38 -20.88
N GLU B 17 -8.06 20.56 -20.91
CA GLU B 17 -7.44 21.08 -22.13
C GLU B 17 -6.29 20.13 -22.53
N LEU B 18 -5.34 19.93 -21.62
CA LEU B 18 -4.20 19.03 -21.86
C LEU B 18 -4.71 17.66 -22.25
N LEU B 19 -5.78 17.21 -21.60
CA LEU B 19 -6.35 15.89 -21.91
C LEU B 19 -6.86 15.81 -23.34
N LEU B 20 -7.36 16.94 -23.86
CA LEU B 20 -7.88 16.95 -25.21
C LEU B 20 -6.75 16.98 -26.23
N LYS B 21 -5.63 17.60 -25.87
CA LYS B 21 -4.50 17.63 -26.79
C LYS B 21 -3.89 16.22 -26.90
N VAL B 22 -3.81 15.52 -25.78
CA VAL B 22 -3.26 14.17 -25.79
C VAL B 22 -4.30 13.25 -26.45
N GLY B 23 -5.56 13.46 -26.11
CA GLY B 23 -6.63 12.65 -26.68
C GLY B 23 -6.70 12.69 -28.20
N GLU B 24 -6.35 13.83 -28.77
CA GLU B 24 -6.36 14.02 -30.21
C GLU B 24 -5.36 13.07 -30.87
N GLU B 25 -4.16 13.04 -30.31
CA GLU B 25 -3.08 12.19 -30.82
C GLU B 25 -3.38 10.71 -30.63
N ILE B 26 -3.96 10.35 -29.49
CA ILE B 26 -4.27 8.96 -29.23
C ILE B 26 -5.39 8.56 -30.18
N LYS B 27 -6.24 9.52 -30.52
CA LYS B 27 -7.33 9.26 -31.45
C LYS B 27 -6.71 8.94 -32.82
N ARG B 28 -5.78 9.79 -33.25
CA ARG B 28 -5.09 9.61 -34.53
C ARG B 28 -4.39 8.26 -34.65
N LEU B 29 -3.65 7.87 -33.60
CA LEU B 29 -2.94 6.59 -33.58
C LEU B 29 -3.98 5.50 -33.59
N SER B 30 -5.08 5.77 -32.91
CA SER B 30 -6.20 4.83 -32.82
C SER B 30 -6.68 4.51 -34.24
N GLU B 31 -6.73 5.54 -35.08
CA GLU B 31 -7.18 5.40 -36.46
C GLU B 31 -6.12 4.72 -37.31
N LYS B 32 -4.86 4.91 -36.92
CA LYS B 32 -3.75 4.33 -37.64
C LYS B 32 -3.48 2.87 -37.34
N PHE B 33 -3.67 2.46 -36.09
CA PHE B 33 -3.42 1.08 -35.69
C PHE B 33 -4.72 0.40 -35.30
N LYS B 34 -5.58 0.18 -36.28
CA LYS B 34 -6.88 -0.46 -36.05
C LYS B 34 -6.77 -1.78 -35.33
N GLU B 35 -5.59 -2.36 -35.36
CA GLU B 35 -5.32 -3.64 -34.72
C GLU B 35 -5.20 -3.51 -33.20
N VAL B 36 -4.89 -2.30 -32.74
CA VAL B 36 -4.71 -2.03 -31.32
C VAL B 36 -5.90 -1.39 -30.63
N GLU B 37 -6.21 -1.86 -29.42
CA GLU B 37 -7.28 -1.26 -28.64
C GLU B 37 -6.69 -0.20 -27.73
N PHE B 38 -6.85 1.07 -28.09
CA PHE B 38 -6.33 2.16 -27.26
C PHE B 38 -7.28 2.50 -26.11
N VAL B 39 -6.72 2.94 -24.99
CA VAL B 39 -7.50 3.33 -23.83
C VAL B 39 -6.85 4.59 -23.28
N PHE B 40 -7.62 5.68 -23.19
CA PHE B 40 -7.08 6.94 -22.67
C PHE B 40 -7.01 6.90 -21.14
N LYS B 41 -5.83 7.18 -20.60
CA LYS B 41 -5.62 7.15 -19.14
C LYS B 41 -5.12 8.47 -18.58
N SER B 42 -5.62 8.80 -17.39
CA SER B 42 -5.19 9.99 -16.66
C SER B 42 -5.82 9.96 -15.26
N SER B 43 -5.07 10.40 -14.26
CA SER B 43 -5.54 10.37 -12.88
C SER B 43 -6.14 11.69 -12.43
N PHE B 44 -7.30 11.64 -11.78
CA PHE B 44 -7.93 12.87 -11.31
C PHE B 44 -7.33 13.30 -9.98
N ASP B 45 -6.51 12.44 -9.38
CA ASP B 45 -5.86 12.75 -8.10
C ASP B 45 -4.63 11.91 -7.81
N LYS B 46 -3.53 12.57 -7.46
CA LYS B 46 -2.31 11.87 -7.10
C LYS B 46 -2.40 11.79 -5.56
N ALA B 47 -3.02 10.70 -5.12
CA ALA B 47 -3.28 10.44 -3.70
C ALA B 47 -2.10 10.12 -2.78
N ASN B 48 -0.95 9.78 -3.35
CA ASN B 48 0.20 9.47 -2.52
C ASN B 48 1.52 10.10 -2.95
N ARG B 49 1.51 11.41 -3.17
CA ARG B 49 2.73 12.12 -3.53
C ARG B 49 3.57 12.07 -2.26
N SER B 50 4.90 12.04 -2.40
CA SER B 50 5.76 11.99 -1.23
C SER B 50 5.53 13.22 -0.35
N SER B 51 5.50 14.38 -0.99
CA SER B 51 5.35 15.65 -0.30
C SER B 51 3.93 16.24 -0.23
N ILE B 52 3.58 16.80 0.92
CA ILE B 52 2.26 17.41 1.10
C ILE B 52 2.15 18.64 0.20
N HIS B 53 3.29 19.24 -0.13
CA HIS B 53 3.32 20.44 -0.97
C HIS B 53 3.43 20.15 -2.47
N SER B 54 2.88 19.01 -2.91
CA SER B 54 2.94 18.66 -4.32
C SER B 54 1.56 18.71 -4.96
N PHE B 55 1.54 18.68 -6.30
CA PHE B 55 0.29 18.73 -7.07
C PHE B 55 -0.46 17.43 -6.94
N ARG B 56 -1.74 17.53 -6.60
CA ARG B 56 -2.60 16.35 -6.48
C ARG B 56 -3.61 16.33 -7.61
N GLY B 57 -4.15 17.50 -7.95
CA GLY B 57 -5.14 17.56 -9.01
C GLY B 57 -6.23 18.59 -8.78
N HIS B 58 -7.35 18.41 -9.48
CA HIS B 58 -8.46 19.35 -9.37
C HIS B 58 -9.73 18.69 -8.88
N GLY B 59 -9.62 17.47 -8.39
CA GLY B 59 -10.80 16.81 -7.87
C GLY B 59 -11.40 15.77 -8.78
N LEU B 60 -12.19 14.90 -8.15
CA LEU B 60 -12.85 13.82 -8.83
C LEU B 60 -13.89 14.32 -9.83
N GLU B 61 -14.72 15.27 -9.40
CA GLU B 61 -15.76 15.81 -10.27
C GLU B 61 -15.18 16.47 -11.51
N TYR B 62 -14.20 17.36 -11.33
CA TYR B 62 -13.57 18.04 -12.45
C TYR B 62 -12.89 17.03 -13.36
N GLY B 63 -12.29 16.01 -12.76
CA GLY B 63 -11.60 14.97 -13.52
C GLY B 63 -12.53 14.09 -14.33
N VAL B 64 -13.60 13.60 -13.71
CA VAL B 64 -14.57 12.76 -14.41
C VAL B 64 -15.18 13.54 -15.57
N LYS B 65 -15.42 14.83 -15.35
CA LYS B 65 -15.98 15.68 -16.39
C LYS B 65 -14.99 15.78 -17.55
N ALA B 66 -13.71 16.00 -17.24
CA ALA B 66 -12.69 16.10 -18.27
C ALA B 66 -12.54 14.81 -19.08
N LEU B 67 -12.59 13.67 -18.40
CA LEU B 67 -12.48 12.40 -19.09
C LEU B 67 -13.72 12.15 -19.95
N ARG B 68 -14.85 12.63 -19.45
CA ARG B 68 -16.11 12.49 -20.18
C ARG B 68 -15.94 13.21 -21.52
N LYS B 69 -15.33 14.38 -21.47
CA LYS B 69 -15.09 15.18 -22.67
C LYS B 69 -14.24 14.43 -23.70
N VAL B 70 -13.27 13.65 -23.23
CA VAL B 70 -12.41 12.89 -24.14
C VAL B 70 -13.21 11.73 -24.74
N LYS B 71 -13.94 11.01 -23.90
CA LYS B 71 -14.72 9.89 -24.40
C LYS B 71 -15.79 10.35 -25.39
N GLU B 72 -16.26 11.58 -25.22
CA GLU B 72 -17.29 12.12 -26.10
C GLU B 72 -16.72 12.67 -27.39
N GLU B 73 -15.74 13.55 -27.26
CA GLU B 73 -15.12 14.16 -28.42
C GLU B 73 -14.36 13.16 -29.31
N PHE B 74 -13.67 12.20 -28.70
CA PHE B 74 -12.88 11.25 -29.48
C PHE B 74 -13.38 9.82 -29.53
N GLY B 75 -14.39 9.48 -28.73
CA GLY B 75 -14.92 8.13 -28.74
C GLY B 75 -13.94 7.06 -28.25
N LEU B 76 -12.95 7.49 -27.47
CA LEU B 76 -11.94 6.58 -26.93
C LEU B 76 -12.38 5.96 -25.61
N LYS B 77 -11.90 4.76 -25.31
CA LYS B 77 -12.24 4.13 -24.05
C LYS B 77 -11.48 4.86 -22.94
N ILE B 78 -11.92 4.71 -21.70
CA ILE B 78 -11.32 5.43 -20.60
C ILE B 78 -10.90 4.58 -19.41
N THR B 79 -9.93 5.09 -18.67
CA THR B 79 -9.46 4.42 -17.46
C THR B 79 -8.81 5.43 -16.52
N THR B 80 -9.18 5.36 -15.25
CA THR B 80 -8.59 6.23 -14.25
C THR B 80 -8.52 5.36 -12.99
N ASP B 81 -7.71 5.79 -12.02
CA ASP B 81 -7.56 5.01 -10.79
C ASP B 81 -8.36 5.58 -9.63
N ILE B 82 -8.83 4.69 -8.76
CA ILE B 82 -9.60 5.09 -7.57
C ILE B 82 -8.72 4.85 -6.34
N HIS B 83 -8.98 5.59 -5.27
CA HIS B 83 -8.17 5.48 -4.06
C HIS B 83 -8.92 5.05 -2.80
N GLU B 84 -10.24 5.13 -2.84
CA GLU B 84 -11.07 4.71 -1.71
C GLU B 84 -12.36 4.15 -2.32
N SER B 85 -12.99 3.22 -1.62
CA SER B 85 -14.21 2.55 -2.07
C SER B 85 -15.35 3.41 -2.62
N TRP B 86 -15.60 4.55 -2.00
CA TRP B 86 -16.68 5.44 -2.42
C TRP B 86 -16.52 6.05 -3.82
N GLN B 87 -15.29 6.04 -4.35
CA GLN B 87 -15.03 6.63 -5.65
C GLN B 87 -15.32 5.71 -6.84
N ALA B 88 -15.48 4.42 -6.59
CA ALA B 88 -15.72 3.44 -7.64
C ALA B 88 -16.95 3.75 -8.52
N GLU B 89 -18.11 3.99 -7.91
CA GLU B 89 -19.32 4.29 -8.69
C GLU B 89 -19.27 5.55 -9.54
N PRO B 90 -18.96 6.70 -8.94
CA PRO B 90 -18.91 7.92 -9.75
C PRO B 90 -17.94 7.78 -10.92
N VAL B 91 -16.80 7.14 -10.64
CA VAL B 91 -15.79 6.93 -11.67
C VAL B 91 -16.28 5.96 -12.76
N ALA B 92 -16.98 4.92 -12.35
CA ALA B 92 -17.50 3.94 -13.30
C ALA B 92 -18.45 4.52 -14.35
N GLU B 93 -18.92 5.76 -14.14
CA GLU B 93 -19.81 6.42 -15.09
C GLU B 93 -19.06 6.67 -16.39
N VAL B 94 -17.79 7.04 -16.28
CA VAL B 94 -16.97 7.34 -17.44
C VAL B 94 -15.95 6.25 -17.73
N ALA B 95 -15.28 5.76 -16.68
CA ALA B 95 -14.23 4.76 -16.84
C ALA B 95 -14.69 3.40 -17.34
N ASP B 96 -14.09 2.95 -18.44
CA ASP B 96 -14.40 1.64 -19.00
C ASP B 96 -13.60 0.58 -18.22
N ILE B 97 -12.46 1.01 -17.67
CA ILE B 97 -11.58 0.15 -16.89
C ILE B 97 -11.21 0.90 -15.62
N ILE B 98 -11.47 0.29 -14.46
CA ILE B 98 -11.13 0.94 -13.20
C ILE B 98 -9.72 0.49 -12.80
N GLN B 99 -8.85 1.46 -12.56
CA GLN B 99 -7.47 1.18 -12.19
C GLN B 99 -7.25 1.21 -10.67
N ILE B 100 -6.60 0.17 -10.15
CA ILE B 100 -6.29 0.04 -8.72
C ILE B 100 -4.80 0.30 -8.50
N PRO B 101 -4.45 1.35 -7.74
CA PRO B 101 -3.04 1.68 -7.48
C PRO B 101 -2.27 0.49 -6.91
N ALA B 102 -0.97 0.44 -7.18
CA ALA B 102 -0.13 -0.67 -6.71
C ALA B 102 -0.14 -0.84 -5.19
N PHE B 103 -0.07 0.26 -4.45
CA PHE B 103 -0.08 0.18 -2.99
C PHE B 103 -1.37 -0.38 -2.41
N LEU B 104 -2.48 -0.17 -3.12
CA LEU B 104 -3.79 -0.60 -2.65
C LEU B 104 -4.27 -1.91 -3.26
N CYS B 105 -3.37 -2.61 -3.95
CA CYS B 105 -3.73 -3.87 -4.61
C CYS B 105 -4.20 -4.96 -3.66
N GLY B 106 -4.00 -4.76 -2.36
CA GLY B 106 -4.44 -5.75 -1.38
C GLY B 106 -5.67 -5.33 -0.57
N GLN B 107 -6.18 -4.12 -0.81
CA GLN B 107 -7.35 -3.61 -0.08
C GLN B 107 -8.64 -4.24 -0.60
N THR B 108 -9.10 -5.27 0.07
CA THR B 108 -10.31 -6.00 -0.32
C THR B 108 -11.54 -5.12 -0.67
N ASP B 109 -11.86 -4.15 0.18
CA ASP B 109 -13.01 -3.30 -0.06
C ASP B 109 -12.89 -2.44 -1.32
N LEU B 110 -11.66 -2.04 -1.66
CA LEU B 110 -11.43 -1.23 -2.85
C LEU B 110 -11.64 -2.11 -4.08
N LEU B 111 -11.17 -3.35 -4.01
CA LEU B 111 -11.32 -4.29 -5.11
C LEU B 111 -12.78 -4.68 -5.31
N LEU B 112 -13.49 -4.94 -4.21
CA LEU B 112 -14.88 -5.32 -4.29
C LEU B 112 -15.75 -4.19 -4.83
N ALA B 113 -15.49 -2.96 -4.38
CA ALA B 113 -16.26 -1.81 -4.88
C ALA B 113 -16.00 -1.62 -6.37
N ALA B 114 -14.79 -1.97 -6.82
CA ALA B 114 -14.44 -1.85 -8.24
C ALA B 114 -15.20 -2.89 -9.06
N ALA B 115 -15.19 -4.13 -8.59
CA ALA B 115 -15.87 -5.20 -9.28
C ALA B 115 -17.38 -4.95 -9.36
N LYS B 116 -17.95 -4.44 -8.27
CA LYS B 116 -19.37 -4.16 -8.19
C LYS B 116 -19.91 -3.20 -9.24
N THR B 117 -19.06 -2.32 -9.77
CA THR B 117 -19.51 -1.37 -10.79
C THR B 117 -19.76 -2.06 -12.12
N GLY B 118 -19.34 -3.32 -12.23
CA GLY B 118 -19.50 -4.08 -13.47
C GLY B 118 -18.44 -3.76 -14.53
N ARG B 119 -17.67 -2.69 -14.34
CA ARG B 119 -16.63 -2.30 -15.30
C ARG B 119 -15.45 -3.26 -15.29
N ALA B 120 -14.51 -3.04 -16.21
CA ALA B 120 -13.31 -3.88 -16.26
C ALA B 120 -12.39 -3.39 -15.11
N VAL B 121 -11.58 -4.29 -14.55
CA VAL B 121 -10.66 -3.88 -13.47
C VAL B 121 -9.21 -4.25 -13.76
N ASN B 122 -8.34 -3.25 -13.61
CA ASN B 122 -6.91 -3.44 -13.86
C ASN B 122 -6.14 -3.13 -12.57
N VAL B 123 -5.56 -4.16 -11.97
CA VAL B 123 -4.80 -4.00 -10.72
C VAL B 123 -3.29 -3.87 -10.95
N LYS B 124 -2.68 -2.80 -10.44
CA LYS B 124 -1.23 -2.65 -10.56
C LYS B 124 -0.65 -3.57 -9.47
N LYS B 125 0.26 -4.48 -9.84
CA LYS B 125 0.89 -5.39 -8.87
C LYS B 125 1.77 -4.61 -7.89
N GLY B 126 1.51 -4.75 -6.59
CA GLY B 126 2.32 -4.02 -5.62
C GLY B 126 3.80 -4.29 -5.74
N GLN B 127 4.64 -3.32 -5.35
CA GLN B 127 6.11 -3.43 -5.41
C GLN B 127 6.61 -4.49 -4.42
N PHE B 128 5.73 -4.84 -3.50
CA PHE B 128 5.99 -5.80 -2.43
C PHE B 128 5.46 -7.21 -2.69
N LEU B 129 4.66 -7.33 -3.76
CA LEU B 129 3.98 -8.58 -4.11
C LEU B 129 4.68 -9.55 -5.06
N ALA B 130 4.70 -10.82 -4.68
CA ALA B 130 5.29 -11.86 -5.51
C ALA B 130 4.29 -12.12 -6.63
N PRO B 131 4.77 -12.47 -7.84
CA PRO B 131 3.93 -12.74 -9.02
C PRO B 131 2.83 -13.75 -8.77
N TRP B 132 3.20 -14.86 -8.13
CA TRP B 132 2.25 -15.93 -7.85
C TRP B 132 1.18 -15.55 -6.84
N ASP B 133 1.42 -14.51 -6.08
CA ASP B 133 0.45 -14.07 -5.09
C ASP B 133 -0.60 -13.15 -5.69
N THR B 134 -0.58 -12.96 -7.02
CA THR B 134 -1.59 -12.11 -7.63
C THR B 134 -2.83 -12.99 -7.87
N LYS B 135 -2.65 -14.29 -7.72
CA LYS B 135 -3.77 -15.20 -7.89
C LYS B 135 -4.94 -14.84 -6.97
N ASN B 136 -4.65 -14.57 -5.71
CA ASN B 136 -5.70 -14.21 -4.76
C ASN B 136 -6.35 -12.86 -5.07
N VAL B 137 -5.58 -11.95 -5.66
CA VAL B 137 -6.11 -10.64 -6.00
C VAL B 137 -7.21 -10.86 -7.05
N VAL B 138 -6.90 -11.65 -8.05
CA VAL B 138 -7.85 -11.97 -9.11
C VAL B 138 -9.11 -12.65 -8.53
N GLU B 139 -8.92 -13.55 -7.57
CA GLU B 139 -10.06 -14.24 -6.98
C GLU B 139 -11.01 -13.29 -6.25
N LYS B 140 -10.46 -12.30 -5.54
CA LYS B 140 -11.31 -11.35 -4.85
C LYS B 140 -12.20 -10.62 -5.85
N LEU B 141 -11.62 -10.24 -6.98
CA LEU B 141 -12.37 -9.52 -8.00
C LEU B 141 -13.45 -10.43 -8.62
N LYS B 142 -13.12 -11.71 -8.81
CA LYS B 142 -14.09 -12.64 -9.38
C LYS B 142 -15.23 -12.82 -8.39
N PHE B 143 -14.88 -12.96 -7.12
CA PHE B 143 -15.86 -13.09 -6.06
C PHE B 143 -16.77 -11.88 -6.13
N GLY B 144 -16.17 -10.72 -6.35
CA GLY B 144 -16.91 -9.47 -6.43
C GLY B 144 -17.68 -9.25 -7.73
N GLY B 145 -17.65 -10.20 -8.64
CA GLY B 145 -18.38 -10.06 -9.89
C GLY B 145 -17.63 -9.53 -11.09
N ALA B 146 -16.33 -9.33 -10.95
CA ALA B 146 -15.51 -8.84 -12.05
C ALA B 146 -15.37 -9.94 -13.10
N LYS B 147 -15.36 -9.54 -14.37
CA LYS B 147 -15.21 -10.50 -15.47
C LYS B 147 -14.00 -10.17 -16.37
N GLU B 148 -13.73 -8.88 -16.57
CA GLU B 148 -12.60 -8.45 -17.37
C GLU B 148 -11.56 -7.98 -16.35
N ILE B 149 -10.53 -8.79 -16.15
CA ILE B 149 -9.49 -8.49 -15.17
C ILE B 149 -8.07 -8.42 -15.72
N TYR B 150 -7.38 -7.33 -15.39
CA TYR B 150 -6.00 -7.14 -15.82
C TYR B 150 -5.05 -6.99 -14.62
N LEU B 151 -3.84 -7.50 -14.79
CA LEU B 151 -2.80 -7.37 -13.77
C LEU B 151 -1.69 -6.60 -14.48
N THR B 152 -1.19 -5.54 -13.87
CA THR B 152 -0.14 -4.76 -14.49
C THR B 152 1.20 -4.84 -13.76
N GLU B 153 2.25 -5.18 -14.52
CA GLU B 153 3.61 -5.28 -13.98
C GLU B 153 4.17 -3.86 -13.92
N ARG B 154 4.61 -3.42 -12.74
CA ARG B 154 5.19 -2.09 -12.61
C ARG B 154 6.49 -2.05 -11.78
N GLY B 155 7.15 -3.19 -11.66
CA GLY B 155 8.39 -3.24 -10.92
C GLY B 155 8.26 -3.81 -9.51
N THR B 156 9.40 -4.21 -8.95
CA THR B 156 9.48 -4.78 -7.60
C THR B 156 10.57 -4.12 -6.77
N THR B 157 10.27 -3.87 -5.50
CA THR B 157 11.23 -3.23 -4.59
C THR B 157 12.56 -3.97 -4.64
N PHE B 158 13.63 -3.23 -4.94
CA PHE B 158 14.97 -3.78 -5.05
C PHE B 158 15.90 -2.87 -4.28
N GLY B 159 16.01 -3.14 -2.97
CA GLY B 159 16.83 -2.30 -2.12
C GLY B 159 16.00 -1.03 -1.94
N TYR B 160 16.65 0.08 -1.59
CA TYR B 160 15.98 1.34 -1.38
C TYR B 160 15.96 2.23 -2.63
N ASN B 161 14.83 2.88 -2.88
CA ASN B 161 14.71 3.81 -4.00
C ASN B 161 15.06 3.21 -5.34
N ASN B 162 14.61 1.97 -5.55
CA ASN B 162 14.91 1.32 -6.80
C ASN B 162 13.91 0.23 -7.09
N LEU B 163 13.55 0.09 -8.35
CA LEU B 163 12.61 -0.96 -8.75
C LEU B 163 13.27 -1.77 -9.85
N VAL B 164 13.09 -3.07 -9.82
CA VAL B 164 13.61 -3.93 -10.86
C VAL B 164 12.39 -4.65 -11.45
N VAL B 165 12.48 -4.97 -12.73
CA VAL B 165 11.40 -5.69 -13.40
C VAL B 165 11.83 -7.13 -13.59
N ASP B 166 11.14 -8.03 -12.90
CA ASP B 166 11.41 -9.44 -13.03
C ASP B 166 10.45 -9.93 -14.11
N PHE B 167 10.94 -10.08 -15.35
CA PHE B 167 10.06 -10.50 -16.44
C PHE B 167 9.49 -11.91 -16.34
N ARG B 168 9.98 -12.68 -15.37
CA ARG B 168 9.42 -14.01 -15.14
C ARG B 168 7.95 -13.84 -14.74
N SER B 169 7.63 -12.68 -14.15
CA SER B 169 6.28 -12.42 -13.69
C SER B 169 5.22 -12.41 -14.80
N LEU B 170 5.59 -11.99 -16.01
CA LEU B 170 4.64 -11.95 -17.12
C LEU B 170 4.01 -13.32 -17.38
N PRO B 171 4.82 -14.38 -17.52
CA PRO B 171 4.18 -15.67 -17.75
C PRO B 171 3.49 -16.25 -16.52
N ILE B 172 3.93 -15.84 -15.35
CA ILE B 172 3.31 -16.32 -14.12
C ILE B 172 1.91 -15.73 -13.94
N MET B 173 1.78 -14.42 -14.05
CA MET B 173 0.49 -13.76 -13.83
C MET B 173 -0.54 -14.11 -14.90
N LYS B 174 -0.04 -14.39 -16.10
CA LYS B 174 -0.86 -14.75 -17.25
C LYS B 174 -1.70 -16.02 -17.04
N GLN B 175 -1.35 -16.80 -16.03
CA GLN B 175 -2.13 -18.02 -15.76
C GLN B 175 -3.53 -17.67 -15.26
N TRP B 176 -3.72 -16.48 -14.69
CA TRP B 176 -5.04 -16.12 -14.18
C TRP B 176 -5.59 -14.77 -14.58
N ALA B 177 -4.91 -14.07 -15.47
CA ALA B 177 -5.41 -12.79 -15.94
C ALA B 177 -4.62 -12.28 -17.13
N LYS B 178 -5.17 -11.28 -17.80
CA LYS B 178 -4.48 -10.69 -18.93
C LYS B 178 -3.44 -9.81 -18.26
N VAL B 179 -2.25 -9.77 -18.85
CA VAL B 179 -1.15 -9.00 -18.28
C VAL B 179 -0.77 -7.76 -19.07
N ILE B 180 -0.65 -6.64 -18.38
CA ILE B 180 -0.25 -5.36 -18.97
C ILE B 180 1.10 -4.97 -18.39
N TYR B 181 1.95 -4.38 -19.22
CA TYR B 181 3.26 -3.95 -18.76
C TYR B 181 3.31 -2.44 -18.65
N ASP B 182 3.61 -1.94 -17.46
CA ASP B 182 3.67 -0.51 -17.21
C ASP B 182 5.11 -0.07 -17.54
N ALA B 183 5.25 0.55 -18.70
CA ALA B 183 6.54 0.99 -19.18
C ALA B 183 7.14 2.24 -18.53
N THR B 184 6.30 3.04 -17.90
CA THR B 184 6.81 4.26 -17.30
C THR B 184 7.08 4.24 -15.80
N HIS B 185 6.27 3.55 -15.00
CA HIS B 185 6.53 3.52 -13.56
C HIS B 185 7.53 2.43 -13.17
N SER B 186 7.81 1.53 -14.11
CA SER B 186 8.73 0.43 -13.86
C SER B 186 10.21 0.81 -13.79
N VAL B 187 10.55 1.99 -14.28
CA VAL B 187 11.93 2.43 -14.30
C VAL B 187 12.18 3.61 -13.39
N GLN B 188 11.11 4.16 -12.83
CA GLN B 188 11.29 5.30 -11.94
C GLN B 188 11.82 4.86 -10.57
N LEU B 189 12.72 5.66 -10.01
CA LEU B 189 13.29 5.35 -8.70
C LEU B 189 12.36 5.98 -7.67
N PRO B 190 11.82 5.16 -6.73
CA PRO B 190 10.91 5.64 -5.68
C PRO B 190 11.58 6.49 -4.60
N GLY B 191 10.76 7.25 -3.87
CA GLY B 191 11.27 8.09 -2.80
C GLY B 191 10.59 9.43 -2.72
N GLY B 199 18.43 5.74 -14.21
CA GLY B 199 18.52 6.64 -15.35
C GLY B 199 17.14 6.96 -15.89
N MET B 200 16.17 6.20 -15.39
CA MET B 200 14.76 6.35 -15.76
C MET B 200 14.39 6.40 -17.24
N ARG B 201 14.22 7.59 -17.82
CA ARG B 201 13.79 7.67 -19.22
C ARG B 201 14.51 6.80 -20.27
N GLU B 202 15.84 6.80 -20.25
CA GLU B 202 16.62 6.03 -21.20
C GLU B 202 16.29 4.53 -21.22
N PHE B 203 15.65 4.04 -20.17
CA PHE B 203 15.34 2.62 -20.09
C PHE B 203 13.92 2.21 -20.46
N ILE B 204 13.03 3.19 -20.68
CA ILE B 204 11.64 2.90 -20.99
C ILE B 204 11.40 2.01 -22.24
N PHE B 205 12.00 2.40 -23.37
CA PHE B 205 11.85 1.68 -24.63
C PHE B 205 12.55 0.31 -24.58
N PRO B 206 13.80 0.27 -24.06
CA PRO B 206 14.45 -1.03 -24.00
C PRO B 206 13.58 -2.07 -23.25
N LEU B 207 13.06 -1.71 -22.07
CA LEU B 207 12.25 -2.65 -21.29
C LEU B 207 10.88 -2.93 -21.91
N ILE B 208 10.38 -1.97 -22.69
CA ILE B 208 9.11 -2.14 -23.38
C ILE B 208 9.35 -3.25 -24.41
N ARG B 209 10.51 -3.19 -25.09
CA ARG B 209 10.82 -4.20 -26.10
C ARG B 209 10.91 -5.58 -25.47
N ALA B 210 11.44 -5.64 -24.25
CA ALA B 210 11.58 -6.92 -23.56
C ALA B 210 10.22 -7.48 -23.21
N ALA B 211 9.32 -6.62 -22.75
CA ALA B 211 7.97 -7.04 -22.36
C ALA B 211 7.23 -7.70 -23.53
N VAL B 212 7.31 -7.11 -24.71
CA VAL B 212 6.64 -7.69 -25.88
C VAL B 212 7.38 -8.91 -26.39
N ALA B 213 8.70 -8.96 -26.25
CA ALA B 213 9.44 -10.13 -26.68
C ALA B 213 9.06 -11.30 -25.78
N VAL B 214 8.86 -11.03 -24.49
CA VAL B 214 8.48 -12.07 -23.54
C VAL B 214 7.02 -12.46 -23.75
N GLY B 215 6.16 -11.45 -23.89
CA GLY B 215 4.76 -11.72 -24.10
C GLY B 215 3.86 -11.12 -23.05
N CYS B 216 3.02 -10.17 -23.46
CA CYS B 216 2.05 -9.54 -22.59
C CYS B 216 0.85 -9.17 -23.46
N ASP B 217 -0.29 -8.88 -22.83
CA ASP B 217 -1.51 -8.54 -23.54
C ASP B 217 -1.67 -7.07 -23.81
N GLY B 218 -0.75 -6.26 -23.30
CA GLY B 218 -0.88 -4.84 -23.53
C GLY B 218 0.22 -4.06 -22.85
N VAL B 219 0.33 -2.79 -23.21
CA VAL B 219 1.34 -1.95 -22.63
C VAL B 219 0.68 -0.67 -22.10
N PHE B 220 1.22 -0.19 -20.98
CA PHE B 220 0.73 1.01 -20.30
C PHE B 220 1.86 2.05 -20.36
N MET B 221 1.55 3.25 -20.84
CA MET B 221 2.56 4.32 -20.99
C MET B 221 2.00 5.70 -20.71
N GLU B 222 2.67 6.47 -19.88
CA GLU B 222 2.23 7.83 -19.63
C GLU B 222 2.94 8.70 -20.64
N THR B 223 2.20 9.62 -21.27
CA THR B 223 2.78 10.51 -22.27
C THR B 223 2.29 11.94 -22.08
N HIS B 224 3.13 12.90 -22.43
CA HIS B 224 2.82 14.32 -22.24
C HIS B 224 3.43 15.15 -23.36
N PRO B 225 2.70 16.17 -23.84
CA PRO B 225 3.19 17.04 -24.91
C PRO B 225 4.57 17.59 -24.57
N GLU B 226 4.74 17.94 -23.29
CA GLU B 226 6.01 18.47 -22.80
C GLU B 226 6.26 17.93 -21.40
N PRO B 227 6.74 16.69 -21.29
CA PRO B 227 7.00 16.06 -19.99
C PRO B 227 7.75 16.99 -19.01
N GLU B 228 8.67 17.78 -19.54
CA GLU B 228 9.47 18.74 -18.76
C GLU B 228 8.59 19.61 -17.87
N LYS B 229 7.43 19.99 -18.39
CA LYS B 229 6.49 20.84 -17.66
C LYS B 229 5.38 20.09 -16.94
N ALA B 230 5.42 18.76 -16.97
CA ALA B 230 4.42 17.94 -16.32
C ALA B 230 4.32 18.23 -14.82
N LEU B 231 3.11 18.15 -14.28
CA LEU B 231 2.91 18.40 -12.86
C LEU B 231 3.15 17.15 -12.01
N SER B 232 3.33 16.03 -12.69
CA SER B 232 3.58 14.76 -12.04
C SER B 232 4.43 13.87 -12.96
N ASP B 233 5.30 13.05 -12.36
CA ASP B 233 6.16 12.15 -13.11
C ASP B 233 6.81 12.83 -14.33
N ALA B 234 7.28 14.06 -14.15
CA ALA B 234 7.90 14.81 -15.25
C ALA B 234 9.10 14.06 -15.86
N SER B 235 9.93 13.47 -15.00
CA SER B 235 11.12 12.74 -15.40
C SER B 235 10.89 11.50 -16.27
N THR B 236 9.70 10.91 -16.16
CA THR B 236 9.42 9.68 -16.90
C THR B 236 8.32 9.67 -17.93
N GLN B 237 7.52 10.73 -18.01
CA GLN B 237 6.48 10.73 -19.03
C GLN B 237 7.08 10.84 -20.43
N LEU B 238 6.57 10.02 -21.33
CA LEU B 238 7.08 9.99 -22.69
C LEU B 238 6.58 11.16 -23.56
N PRO B 239 7.49 11.79 -24.33
CA PRO B 239 7.06 12.90 -25.17
C PRO B 239 5.99 12.38 -26.14
N LEU B 240 4.88 13.10 -26.26
CA LEU B 240 3.77 12.69 -27.12
C LEU B 240 4.22 12.33 -28.54
N SER B 241 5.14 13.11 -29.09
CA SER B 241 5.62 12.89 -30.44
C SER B 241 6.35 11.57 -30.65
N GLN B 242 6.82 10.97 -29.56
CA GLN B 242 7.54 9.70 -29.63
C GLN B 242 6.66 8.46 -29.54
N LEU B 243 5.39 8.65 -29.20
CA LEU B 243 4.46 7.54 -29.02
C LEU B 243 4.23 6.63 -30.25
N GLU B 244 4.00 7.23 -31.41
CA GLU B 244 3.76 6.45 -32.62
C GLU B 244 4.90 5.50 -32.93
N GLY B 245 6.11 6.03 -32.93
CA GLY B 245 7.27 5.20 -33.21
C GLY B 245 7.42 4.00 -32.27
N ILE B 246 7.10 4.20 -30.99
CA ILE B 246 7.22 3.11 -30.03
C ILE B 246 6.12 2.06 -30.24
N ILE B 247 4.92 2.52 -30.58
CA ILE B 247 3.82 1.60 -30.83
C ILE B 247 4.13 0.75 -32.06
N GLU B 248 4.59 1.40 -33.13
CA GLU B 248 4.93 0.67 -34.35
C GLU B 248 6.03 -0.36 -34.01
N ALA B 249 7.03 0.06 -33.24
CA ALA B 249 8.11 -0.84 -32.84
C ALA B 249 7.63 -2.07 -32.05
N ILE B 250 6.72 -1.88 -31.10
CA ILE B 250 6.27 -3.04 -30.34
C ILE B 250 5.32 -3.94 -31.10
N LEU B 251 4.62 -3.39 -32.09
CA LEU B 251 3.75 -4.21 -32.91
C LEU B 251 4.62 -5.11 -33.81
N GLU B 252 5.69 -4.56 -34.36
CA GLU B 252 6.59 -5.34 -35.22
C GLU B 252 7.30 -6.43 -34.41
N ILE B 253 7.78 -6.08 -33.22
CA ILE B 253 8.45 -7.07 -32.37
C ILE B 253 7.47 -8.19 -31.96
N ARG B 254 6.27 -7.80 -31.56
CA ARG B 254 5.23 -8.74 -31.18
C ARG B 254 4.85 -9.67 -32.36
N GLU B 255 4.74 -9.09 -33.55
CA GLU B 255 4.38 -9.86 -34.73
C GLU B 255 5.35 -11.04 -34.89
N VAL B 256 6.64 -10.76 -34.70
CA VAL B 256 7.65 -11.79 -34.84
C VAL B 256 7.78 -12.69 -33.62
N ALA B 257 7.76 -12.09 -32.44
CA ALA B 257 7.94 -12.88 -31.22
C ALA B 257 6.75 -13.73 -30.80
N SER B 258 5.54 -13.31 -31.18
CA SER B 258 4.33 -14.05 -30.78
C SER B 258 4.39 -15.50 -31.17
N LYS B 259 5.16 -15.80 -32.22
CA LYS B 259 5.32 -17.16 -32.69
C LYS B 259 5.84 -18.03 -31.55
N TYR B 260 6.60 -17.44 -30.63
CA TYR B 260 7.18 -18.21 -29.54
C TYR B 260 6.61 -18.05 -28.15
N TYR B 261 5.50 -17.34 -28.03
CA TYR B 261 4.90 -17.19 -26.69
C TYR B 261 4.44 -18.56 -26.24
N GLU B 262 4.81 -18.93 -25.01
CA GLU B 262 4.42 -20.23 -24.48
C GLU B 262 2.92 -20.27 -24.19
N THR B 263 2.31 -21.45 -24.35
CA THR B 263 0.88 -21.63 -24.12
C THR B 263 0.44 -21.34 -22.67
N ILE B 264 1.13 -21.94 -21.71
CA ILE B 264 0.85 -21.78 -20.28
C ILE B 264 -0.46 -22.44 -19.78
P PO4 C . 0.64 -3.62 9.01
O1 PO4 C . -0.07 -2.55 8.25
O2 PO4 C . 0.74 -4.84 8.16
O3 PO4 C . 2.00 -3.15 9.37
O4 PO4 C . -0.13 -3.92 10.25
CD CD D . -1.37 -8.85 12.97
P PO4 E . 0.78 3.15 -9.42
O1 PO4 E . -0.41 2.96 -8.54
O2 PO4 E . 1.83 3.89 -8.66
O3 PO4 E . 1.31 1.83 -9.83
O4 PO4 E . 0.40 3.94 -10.62
CD CD F . 2.30 8.41 -13.27
#